data_6MK9
#
_entry.id   6MK9
#
_cell.length_a   62.799
_cell.length_b   62.799
_cell.length_c   82.806
_cell.angle_alpha   90.00
_cell.angle_beta   90.00
_cell.angle_gamma   120.00
#
_symmetry.space_group_name_H-M   'P 61'
#
loop_
_entity.id
_entity.type
_entity.pdbx_description
1 polymer Protease
2 non-polymer '(3S,3aR,5R,7aS,8S)-hexahydro-4H-3,5-methanofuro[2,3-b]pyran-8-yl {(2S,3R)-4-[{[2-(cyclopropylamino)-1,3-benzothiazol-6-yl]sulfonyl}(2-methylpropyl)amino]-3-hydroxy-1-phenylbutan-2-yl}carbamate'
3 water water
#
_entity_poly.entity_id   1
_entity_poly.type   'polypeptide(L)'
_entity_poly.pdbx_seq_one_letter_code
;PQITLWQRPIVTIKVGGQLREALIDTGADDTIFEEINLPGRWKPKLIGGIGGFMKVRQYDQIPIEICGHQAIGTVLVGPT
PINVIGRNMLTQIGCTLNF
;
_entity_poly.pdbx_strand_id   A,B
#
loop_
_chem_comp.id
_chem_comp.type
_chem_comp.name
_chem_comp.formula
7O7 non-polymer '(3S,3aR,5R,7aS,8S)-hexahydro-4H-3,5-methanofuro[2,3-b]pyran-8-yl {(2S,3R)-4-[{[2-(cyclopropylamino)-1,3-benzothiazol-6-yl]sulfonyl}(2-methylpropyl)amino]-3-hydroxy-1-phenylbutan-2-yl}carbamate' 'C33 H42 N4 O7 S2'
#
# COMPACT_ATOMS: atom_id res chain seq x y z
N PRO A 1 -11.52 -13.89 -5.03
CA PRO A 1 -11.68 -13.53 -6.43
C PRO A 1 -10.44 -12.84 -7.02
N GLN A 2 -10.52 -12.42 -8.27
CA GLN A 2 -9.53 -11.52 -8.84
C GLN A 2 -10.01 -10.08 -8.70
N ILE A 3 -9.09 -9.17 -8.38
CA ILE A 3 -9.42 -7.76 -8.20
C ILE A 3 -8.47 -6.95 -9.07
N THR A 4 -9.03 -6.16 -10.00
CA THR A 4 -8.19 -5.27 -10.80
C THR A 4 -7.98 -3.97 -10.03
N LEU A 5 -7.16 -3.07 -10.57
CA LEU A 5 -6.69 -1.91 -9.83
C LEU A 5 -7.16 -0.58 -10.41
N TRP A 6 -8.18 -0.62 -11.26
CA TRP A 6 -8.72 0.63 -11.80
C TRP A 6 -9.39 1.47 -10.72
N GLN A 7 -9.90 0.83 -9.67
CA GLN A 7 -10.39 1.52 -8.49
C GLN A 7 -9.61 1.00 -7.27
N ARG A 8 -9.76 1.69 -6.15
CA ARG A 8 -9.15 1.19 -4.93
C ARG A 8 -9.70 -0.19 -4.61
N PRO A 9 -8.85 -1.15 -4.25
CA PRO A 9 -9.30 -2.53 -3.97
C PRO A 9 -9.84 -2.63 -2.54
N ILE A 10 -11.07 -2.16 -2.38
CA ILE A 10 -11.73 -2.12 -1.08
C ILE A 10 -12.58 -3.38 -0.92
N VAL A 11 -12.51 -4.00 0.25
CA VAL A 11 -13.30 -5.19 0.55
C VAL A 11 -13.97 -5.02 1.91
N THR A 12 -14.98 -5.85 2.13
CA THR A 12 -15.73 -5.84 3.38
C THR A 12 -15.12 -6.81 4.37
N ILE A 13 -14.98 -6.36 5.61
CA ILE A 13 -14.37 -7.20 6.64
CA ILE A 13 -14.32 -7.12 6.69
C ILE A 13 -15.25 -7.19 7.89
N LYS A 14 -15.11 -8.25 8.67
CA LYS A 14 -15.72 -8.34 10.00
C LYS A 14 -14.60 -8.53 11.01
N VAL A 15 -14.56 -7.66 12.01
CA VAL A 15 -13.51 -7.72 13.02
C VAL A 15 -14.09 -7.21 14.32
N GLY A 16 -13.82 -7.93 15.41
CA GLY A 16 -14.34 -7.52 16.70
C GLY A 16 -15.86 -7.44 16.73
N GLY A 17 -16.53 -8.25 15.94
CA GLY A 17 -17.97 -8.22 15.86
C GLY A 17 -18.53 -7.06 15.08
N GLN A 18 -17.67 -6.27 14.43
CA GLN A 18 -18.09 -5.09 13.71
C GLN A 18 -17.78 -5.22 12.23
N LEU A 19 -18.53 -4.49 11.41
CA LEU A 19 -18.35 -4.55 9.96
C LEU A 19 -17.64 -3.28 9.51
N ARG A 20 -16.63 -3.44 8.66
CA ARG A 20 -15.87 -2.31 8.16
C ARG A 20 -15.49 -2.58 6.71
N GLU A 21 -15.07 -1.52 6.03
CA GLU A 21 -14.45 -1.65 4.72
C GLU A 21 -12.96 -1.37 4.85
N ALA A 22 -12.15 -2.04 4.04
CA ALA A 22 -10.71 -1.86 4.16
C ALA A 22 -10.05 -2.06 2.79
N LEU A 23 -8.92 -1.39 2.62
CA LEU A 23 -8.14 -1.44 1.39
C LEU A 23 -7.16 -2.61 1.44
N ILE A 24 -7.18 -3.47 0.42
CA ILE A 24 -6.18 -4.53 0.29
C ILE A 24 -4.87 -3.85 -0.08
N ASP A 25 -3.88 -3.90 0.81
CA ASP A 25 -2.74 -3.01 0.70
C ASP A 25 -1.42 -3.78 0.73
N THR A 26 -0.89 -4.11 -0.45
CA THR A 26 0.36 -4.88 -0.51
C THR A 26 1.57 -4.08 -0.03
N GLY A 27 1.45 -2.76 0.06
CA GLY A 27 2.51 -1.94 0.59
C GLY A 27 2.52 -1.80 2.08
N ALA A 28 1.58 -2.47 2.76
CA ALA A 28 1.46 -2.41 4.21
C ALA A 28 1.93 -3.72 4.83
N ASP A 29 2.95 -3.64 5.70
CA ASP A 29 3.37 -4.84 6.44
C ASP A 29 2.27 -5.32 7.37
N ASP A 30 1.61 -4.38 8.02
CA ASP A 30 0.69 -4.60 9.13
C ASP A 30 -0.71 -4.16 8.73
N THR A 31 -1.69 -4.53 9.54
CA THR A 31 -3.10 -4.25 9.30
C THR A 31 -3.54 -3.17 10.28
N ILE A 32 -4.21 -2.10 9.78
CA ILE A 32 -4.52 -0.93 10.60
C ILE A 32 -5.97 -0.51 10.41
N PHE A 33 -6.69 -0.30 11.50
CA PHE A 33 -8.04 0.22 11.46
C PHE A 33 -8.14 1.48 12.29
N GLU A 34 -8.97 2.41 11.83
CA GLU A 34 -9.40 3.53 12.66
C GLU A 34 -10.71 3.16 13.33
N GLU A 35 -10.84 3.55 14.59
CA GLU A 35 -12.12 3.49 15.30
C GLU A 35 -12.79 2.12 15.14
N ILE A 36 -12.14 1.12 15.74
CA ILE A 36 -12.79 -0.13 16.08
C ILE A 36 -12.52 -0.33 17.56
N ASN A 37 -13.37 -1.11 18.19
CA ASN A 37 -13.30 -1.32 19.63
C ASN A 37 -12.98 -2.79 19.86
N LEU A 38 -11.73 -3.08 20.15
CA LEU A 38 -11.33 -4.45 20.33
C LEU A 38 -11.16 -4.77 21.81
N PRO A 39 -11.41 -6.00 22.22
CA PRO A 39 -11.27 -6.36 23.64
C PRO A 39 -9.83 -6.66 24.02
N GLY A 40 -9.55 -6.49 25.30
CA GLY A 40 -8.36 -7.07 25.90
C GLY A 40 -7.19 -6.13 25.97
N ARG A 41 -6.03 -6.72 26.27
CA ARG A 41 -4.82 -5.95 26.46
CA ARG A 41 -4.80 -5.98 26.46
C ARG A 41 -4.22 -5.52 25.13
N TRP A 42 -3.48 -4.42 25.17
CA TRP A 42 -2.81 -3.90 23.99
C TRP A 42 -1.53 -3.21 24.43
N LYS A 43 -0.64 -3.00 23.48
CA LYS A 43 0.56 -2.24 23.79
C LYS A 43 0.68 -1.07 22.83
N PRO A 44 1.19 0.06 23.29
CA PRO A 44 1.38 1.21 22.39
C PRO A 44 2.50 0.94 21.40
N LYS A 45 2.34 1.49 20.21
CA LYS A 45 3.30 1.29 19.14
C LYS A 45 3.34 2.55 18.29
N LEU A 46 4.52 2.90 17.80
CA LEU A 46 4.66 3.98 16.82
C LEU A 46 5.04 3.38 15.49
N ILE A 47 4.31 3.75 14.44
CA ILE A 47 4.58 3.24 13.11
C ILE A 47 4.78 4.41 12.17
N GLY A 48 5.56 4.19 11.12
CA GLY A 48 5.94 5.24 10.18
C GLY A 48 5.32 5.04 8.81
N GLY A 49 4.96 6.15 8.17
CA GLY A 49 4.44 6.11 6.83
C GLY A 49 4.78 7.37 6.05
N ILE A 50 4.02 7.64 4.99
CA ILE A 50 4.15 8.90 4.27
C ILE A 50 3.73 10.02 5.19
N GLY A 51 4.61 10.99 5.38
CA GLY A 51 4.24 12.11 6.23
C GLY A 51 4.57 11.97 7.69
N GLY A 52 5.19 10.86 8.10
CA GLY A 52 5.69 10.77 9.46
C GLY A 52 5.26 9.54 10.24
N PHE A 53 5.13 9.67 11.54
CA PHE A 53 4.80 8.54 12.41
C PHE A 53 3.44 8.76 13.03
N MET A 54 2.80 7.66 13.45
CA MET A 54 1.57 7.79 14.21
C MET A 54 1.53 6.73 15.28
N LYS A 55 0.92 7.10 16.41
CA LYS A 55 0.70 6.22 17.54
C LYS A 55 -0.49 5.31 17.27
N VAL A 56 -0.32 4.02 17.59
CA VAL A 56 -1.40 3.05 17.46
C VAL A 56 -1.44 2.15 18.68
N ARG A 57 -2.57 1.49 18.89
CA ARG A 57 -2.68 0.40 19.84
C ARG A 57 -2.48 -0.90 19.10
N GLN A 58 -1.60 -1.77 19.61
CA GLN A 58 -1.36 -3.08 19.01
C GLN A 58 -2.12 -4.16 19.76
N TYR A 59 -3.04 -4.82 19.06
CA TYR A 59 -3.77 -5.97 19.59
C TYR A 59 -3.34 -7.22 18.86
N ASP A 60 -3.00 -8.28 19.60
CA ASP A 60 -2.53 -9.52 19.01
C ASP A 60 -3.62 -10.59 18.99
N GLN A 61 -3.46 -11.52 18.05
CA GLN A 61 -4.29 -12.72 17.89
C GLN A 61 -5.78 -12.38 17.80
N ILE A 62 -6.08 -11.43 16.93
CA ILE A 62 -7.44 -10.94 16.70
C ILE A 62 -8.02 -11.69 15.48
N PRO A 63 -9.15 -12.38 15.63
CA PRO A 63 -9.79 -12.97 14.44
C PRO A 63 -10.39 -11.91 13.54
N ILE A 64 -10.26 -12.15 12.24
CA ILE A 64 -10.78 -11.23 11.23
C ILE A 64 -11.31 -12.04 10.07
N GLU A 65 -12.38 -11.54 9.46
CA GLU A 65 -12.92 -12.14 8.24
C GLU A 65 -12.75 -11.13 7.12
N ILE A 66 -12.05 -11.52 6.06
CA ILE A 66 -11.67 -10.63 4.97
C ILE A 66 -12.30 -11.18 3.70
N CYS A 67 -13.30 -10.46 3.17
CA CYS A 67 -14.06 -10.92 2.00
C CYS A 67 -14.40 -12.40 2.09
N GLY A 68 -14.90 -12.80 3.27
CA GLY A 68 -15.33 -14.17 3.48
C GLY A 68 -14.26 -15.16 3.88
N HIS A 69 -13.01 -14.74 4.05
CA HIS A 69 -11.92 -15.64 4.41
C HIS A 69 -11.48 -15.38 5.84
N GLN A 70 -11.30 -16.45 6.62
CA GLN A 70 -10.94 -16.33 8.02
C GLN A 70 -9.42 -16.20 8.20
N ALA A 71 -9.02 -15.36 9.15
CA ALA A 71 -7.62 -15.16 9.50
C ALA A 71 -7.55 -14.77 10.96
N ILE A 72 -6.34 -14.81 11.54
CA ILE A 72 -6.11 -14.36 12.90
C ILE A 72 -4.73 -13.69 12.94
N GLY A 73 -4.64 -12.56 13.62
CA GLY A 73 -3.35 -11.90 13.65
C GLY A 73 -3.39 -10.57 14.36
N THR A 74 -2.28 -9.87 14.27
CA THR A 74 -2.13 -8.57 14.90
C THR A 74 -2.93 -7.53 14.15
N VAL A 75 -3.68 -6.72 14.88
CA VAL A 75 -4.41 -5.59 14.32
C VAL A 75 -4.02 -4.33 15.07
N LEU A 76 -3.61 -3.31 14.34
CA LEU A 76 -3.26 -2.02 14.91
C LEU A 76 -4.46 -1.09 14.80
N VAL A 77 -4.69 -0.31 15.85
CA VAL A 77 -5.82 0.62 15.90
C VAL A 77 -5.28 2.02 16.10
N GLY A 78 -5.58 2.90 15.16
CA GLY A 78 -5.09 4.25 15.22
C GLY A 78 -5.58 5.10 14.09
N PRO A 79 -5.26 6.38 14.12
CA PRO A 79 -5.89 7.35 13.20
C PRO A 79 -5.42 7.30 11.76
N THR A 80 -5.51 6.12 11.13
CA THR A 80 -5.20 6.01 9.71
C THR A 80 -6.31 6.66 8.86
N PRO A 81 -5.95 7.24 7.73
CA PRO A 81 -6.98 7.85 6.86
C PRO A 81 -7.89 6.83 6.21
N ILE A 82 -7.46 5.59 6.06
CA ILE A 82 -8.30 4.52 5.52
C ILE A 82 -7.84 3.21 6.16
N ASN A 83 -8.80 2.33 6.44
CA ASN A 83 -8.44 1.03 7.00
C ASN A 83 -7.68 0.21 5.96
N VAL A 84 -6.60 -0.45 6.39
CA VAL A 84 -5.77 -1.21 5.44
C VAL A 84 -5.55 -2.63 5.95
N ILE A 85 -5.70 -3.59 5.05
CA ILE A 85 -5.33 -4.98 5.29
C ILE A 85 -3.93 -5.16 4.74
N GLY A 86 -2.97 -5.49 5.62
CA GLY A 86 -1.58 -5.62 5.25
C GLY A 86 -1.16 -7.08 5.09
N ARG A 87 0.12 -7.25 4.80
CA ARG A 87 0.60 -8.57 4.39
C ARG A 87 0.46 -9.61 5.50
N ASN A 88 0.48 -9.18 6.77
CA ASN A 88 0.36 -10.16 7.86
C ASN A 88 -0.95 -10.92 7.77
N MET A 89 -2.00 -10.28 7.27
CA MET A 89 -3.26 -10.98 7.03
C MET A 89 -3.39 -11.48 5.60
N LEU A 90 -2.84 -10.76 4.62
CA LEU A 90 -3.02 -11.16 3.24
C LEU A 90 -2.40 -12.52 2.94
N THR A 91 -1.28 -12.85 3.58
CA THR A 91 -0.66 -14.15 3.38
C THR A 91 -1.58 -15.27 3.85
N GLN A 92 -2.35 -15.03 4.91
CA GLN A 92 -3.23 -16.07 5.45
C GLN A 92 -4.38 -16.40 4.51
N ILE A 93 -4.83 -15.45 3.69
CA ILE A 93 -5.95 -15.72 2.80
C ILE A 93 -5.48 -16.04 1.38
N GLY A 94 -4.18 -16.21 1.18
CA GLY A 94 -3.65 -16.65 -0.11
C GLY A 94 -3.57 -15.56 -1.15
N CYS A 95 -3.53 -14.30 -0.74
CA CYS A 95 -3.51 -13.22 -1.71
CA CYS A 95 -3.49 -13.18 -1.66
C CYS A 95 -2.16 -13.10 -2.40
N THR A 96 -2.20 -12.93 -3.72
CA THR A 96 -1.00 -12.74 -4.53
C THR A 96 -1.20 -11.61 -5.53
N LEU A 97 -0.07 -11.09 -6.01
CA LEU A 97 -0.01 -10.15 -7.12
C LEU A 97 0.29 -10.90 -8.40
N ASN A 98 -0.27 -10.42 -9.51
CA ASN A 98 -0.15 -11.12 -10.77
C ASN A 98 -0.03 -10.10 -11.90
N PHE A 99 1.02 -10.22 -12.71
CA PHE A 99 1.09 -9.46 -13.97
C PHE A 99 2.06 -10.10 -14.95
N PRO B 1 5.34 -11.61 -13.44
CA PRO B 1 5.21 -12.92 -12.76
C PRO B 1 4.09 -12.92 -11.71
N GLN B 2 3.95 -14.03 -10.97
CA GLN B 2 3.16 -14.02 -9.75
C GLN B 2 4.10 -13.69 -8.59
N ILE B 3 3.60 -12.88 -7.65
CA ILE B 3 4.39 -12.45 -6.49
C ILE B 3 3.57 -12.73 -5.24
N THR B 4 4.11 -13.56 -4.34
CA THR B 4 3.43 -13.79 -3.08
C THR B 4 3.81 -12.68 -2.10
N LEU B 5 3.22 -12.69 -0.90
CA LEU B 5 3.33 -11.55 0.01
C LEU B 5 4.03 -11.91 1.32
N TRP B 6 4.77 -13.03 1.34
CA TRP B 6 5.55 -13.38 2.53
C TRP B 6 6.66 -12.38 2.80
N GLN B 7 7.16 -11.74 1.75
CA GLN B 7 8.10 -10.64 1.86
C GLN B 7 7.51 -9.42 1.15
N ARG B 8 8.13 -8.27 1.35
CA ARG B 8 7.66 -7.09 0.64
C ARG B 8 7.80 -7.32 -0.86
N PRO B 9 6.80 -6.97 -1.67
CA PRO B 9 6.86 -7.20 -3.13
C PRO B 9 7.66 -6.10 -3.81
N ILE B 10 8.97 -6.20 -3.70
CA ILE B 10 9.88 -5.19 -4.26
C ILE B 10 10.31 -5.62 -5.64
N VAL B 11 10.32 -4.70 -6.59
CA VAL B 11 10.74 -4.99 -7.96
C VAL B 11 11.74 -3.93 -8.42
N THR B 12 12.46 -4.27 -9.49
CA THR B 12 13.44 -3.36 -10.07
C THR B 12 12.78 -2.50 -11.15
N ILE B 13 13.07 -1.20 -11.12
CA ILE B 13 12.49 -0.29 -12.10
CA ILE B 13 12.47 -0.23 -12.03
C ILE B 13 13.57 0.59 -12.70
N LYS B 14 13.31 1.07 -13.91
CA LYS B 14 14.15 2.07 -14.56
C LYS B 14 13.29 3.30 -14.81
N VAL B 15 13.73 4.45 -14.32
CA VAL B 15 12.99 5.69 -14.48
C VAL B 15 13.99 6.82 -14.59
N GLY B 16 13.76 7.73 -15.54
CA GLY B 16 14.65 8.85 -15.73
C GLY B 16 16.07 8.43 -16.03
N GLY B 17 16.24 7.28 -16.66
CA GLY B 17 17.57 6.76 -16.95
C GLY B 17 18.28 6.16 -15.75
N GLN B 18 17.60 6.06 -14.60
CA GLN B 18 18.20 5.57 -13.38
C GLN B 18 17.53 4.28 -12.93
N LEU B 19 18.26 3.47 -12.17
CA LEU B 19 17.76 2.20 -11.69
C LEU B 19 17.40 2.33 -10.22
N ARG B 20 16.22 1.83 -9.85
CA ARG B 20 15.76 1.89 -8.48
C ARG B 20 15.00 0.61 -8.16
N GLU B 21 14.79 0.39 -6.87
CA GLU B 21 13.88 -0.65 -6.41
C GLU B 21 12.63 0.02 -5.84
N ALA B 22 11.47 -0.62 -6.01
CA ALA B 22 10.23 -0.02 -5.53
C ALA B 22 9.26 -1.11 -5.11
N LEU B 23 8.35 -0.75 -4.19
CA LEU B 23 7.35 -1.65 -3.65
C LEU B 23 6.10 -1.60 -4.52
N ILE B 24 5.63 -2.76 -4.98
CA ILE B 24 4.33 -2.84 -5.65
C ILE B 24 3.26 -2.59 -4.58
N ASP B 25 2.55 -1.48 -4.70
CA ASP B 25 1.73 -1.01 -3.58
C ASP B 25 0.30 -0.77 -4.03
N THR B 26 -0.58 -1.75 -3.79
CA THR B 26 -1.98 -1.61 -4.20
C THR B 26 -2.73 -0.57 -3.36
N GLY B 27 -2.20 -0.18 -2.20
CA GLY B 27 -2.82 0.85 -1.39
C GLY B 27 -2.44 2.26 -1.77
N ALA B 28 -1.63 2.41 -2.81
CA ALA B 28 -1.16 3.71 -3.28
C ALA B 28 -1.85 4.08 -4.58
N ASP B 29 -2.56 5.22 -4.58
CA ASP B 29 -3.17 5.70 -5.82
C ASP B 29 -2.12 6.08 -6.83
N ASP B 30 -1.06 6.72 -6.34
CA ASP B 30 -0.02 7.29 -7.20
C ASP B 30 1.34 6.66 -6.91
N THR B 31 2.31 7.04 -7.73
CA THR B 31 3.65 6.47 -7.71
C THR B 31 4.61 7.50 -7.15
N ILE B 32 5.45 7.09 -6.17
CA ILE B 32 6.28 8.05 -5.44
C ILE B 32 7.70 7.53 -5.32
N PHE B 33 8.68 8.36 -5.68
CA PHE B 33 10.08 8.01 -5.50
C PHE B 33 10.77 9.04 -4.62
N GLU B 34 11.73 8.56 -3.84
CA GLU B 34 12.72 9.40 -3.19
C GLU B 34 13.92 9.51 -4.11
N GLU B 35 14.55 10.69 -4.11
CA GLU B 35 15.87 10.89 -4.70
C GLU B 35 15.98 10.23 -6.09
N ILE B 36 15.22 10.81 -7.01
CA ILE B 36 15.46 10.64 -8.43
C ILE B 36 15.48 12.04 -9.01
N ASN B 37 16.12 12.16 -10.16
CA ASN B 37 16.30 13.46 -10.82
C ASN B 37 15.61 13.38 -12.17
N LEU B 38 14.44 13.93 -12.24
CA LEU B 38 13.65 13.89 -13.45
C LEU B 38 13.75 15.21 -14.20
N PRO B 39 13.69 15.17 -15.53
CA PRO B 39 13.79 16.41 -16.32
C PRO B 39 12.45 17.12 -16.41
N GLY B 40 12.54 18.43 -16.60
CA GLY B 40 11.38 19.20 -17.03
C GLY B 40 10.66 19.90 -15.89
N ARG B 41 9.48 20.40 -16.24
CA ARG B 41 8.69 21.19 -15.31
CA ARG B 41 8.71 21.18 -15.29
C ARG B 41 7.93 20.27 -14.35
N TRP B 42 7.60 20.81 -13.19
CA TRP B 42 6.88 20.05 -12.20
C TRP B 42 5.95 21.00 -11.45
N LYS B 43 4.98 20.41 -10.76
CA LYS B 43 4.04 21.13 -9.91
C LYS B 43 4.21 20.69 -8.47
N PRO B 44 4.22 21.63 -7.52
CA PRO B 44 4.23 21.22 -6.10
C PRO B 44 2.88 20.63 -5.72
N LYS B 45 2.91 19.59 -4.90
CA LYS B 45 1.72 18.86 -4.52
C LYS B 45 1.87 18.41 -3.08
N LEU B 46 0.78 18.39 -2.33
CA LEU B 46 0.76 17.88 -0.97
C LEU B 46 -0.07 16.60 -0.95
N ILE B 47 0.51 15.51 -0.44
CA ILE B 47 -0.19 14.24 -0.40
C ILE B 47 -0.24 13.74 1.03
N GLY B 48 -1.28 12.96 1.34
CA GLY B 48 -1.52 12.50 2.70
C GLY B 48 -1.32 11.00 2.85
N GLY B 49 -0.79 10.61 4.01
CA GLY B 49 -0.62 9.19 4.30
C GLY B 49 -0.75 8.93 5.79
N ILE B 50 -0.21 7.82 6.26
CA ILE B 50 -0.17 7.58 7.69
C ILE B 50 0.91 8.46 8.29
N GLY B 51 0.55 9.19 9.32
CA GLY B 51 1.47 10.14 9.91
C GLY B 51 1.30 11.56 9.42
N GLY B 52 0.50 11.79 8.38
CA GLY B 52 0.23 13.16 7.96
C GLY B 52 0.45 13.42 6.49
N PHE B 53 0.96 14.60 6.14
CA PHE B 53 1.10 14.98 4.74
C PHE B 53 2.56 15.22 4.42
N MET B 54 2.89 15.14 3.14
CA MET B 54 4.24 15.49 2.73
C MET B 54 4.18 16.19 1.38
N LYS B 55 5.12 17.11 1.16
CA LYS B 55 5.20 17.84 -0.09
C LYS B 55 6.02 17.03 -1.08
N VAL B 56 5.53 16.98 -2.31
CA VAL B 56 6.22 16.28 -3.40
C VAL B 56 6.25 17.19 -4.61
N ARG B 57 7.15 16.87 -5.54
CA ARG B 57 7.11 17.42 -6.89
C ARG B 57 6.34 16.45 -7.80
N GLN B 58 5.40 16.97 -8.55
CA GLN B 58 4.62 16.17 -9.49
C GLN B 58 5.15 16.33 -10.90
N TYR B 59 5.60 15.24 -11.51
CA TYR B 59 6.06 15.20 -12.89
C TYR B 59 5.08 14.36 -13.70
N ASP B 60 4.65 14.87 -14.84
CA ASP B 60 3.69 14.15 -15.68
C ASP B 60 4.35 13.51 -16.89
N GLN B 61 3.68 12.47 -17.41
CA GLN B 61 4.07 11.79 -18.65
C GLN B 61 5.51 11.29 -18.61
N ILE B 62 5.87 10.62 -17.52
CA ILE B 62 7.21 10.10 -17.30
C ILE B 62 7.26 8.63 -17.70
N PRO B 63 8.12 8.22 -18.62
CA PRO B 63 8.28 6.79 -18.91
C PRO B 63 8.93 6.04 -17.77
N ILE B 64 8.46 4.83 -17.54
CA ILE B 64 8.98 3.98 -16.49
C ILE B 64 8.96 2.55 -16.99
N GLU B 65 9.95 1.78 -16.57
CA GLU B 65 9.99 0.35 -16.84
C GLU B 65 9.90 -0.37 -15.49
N ILE B 66 8.89 -1.22 -15.35
CA ILE B 66 8.56 -1.84 -14.06
C ILE B 66 8.69 -3.34 -14.23
N CYS B 67 9.74 -3.93 -13.65
CA CYS B 67 10.02 -5.36 -13.82
C CYS B 67 9.89 -5.77 -15.30
N GLY B 68 10.50 -4.97 -16.18
CA GLY B 68 10.50 -5.27 -17.59
C GLY B 68 9.32 -4.74 -18.40
N HIS B 69 8.28 -4.20 -17.76
CA HIS B 69 7.10 -3.74 -18.48
C HIS B 69 7.11 -2.22 -18.62
N GLN B 70 6.75 -1.72 -19.81
CA GLN B 70 6.78 -0.29 -20.10
C GLN B 70 5.47 0.40 -19.71
N ALA B 71 5.60 1.59 -19.14
CA ALA B 71 4.44 2.40 -18.76
C ALA B 71 4.84 3.86 -18.90
N ILE B 72 3.84 4.74 -18.85
CA ILE B 72 4.08 6.18 -18.82
C ILE B 72 3.02 6.82 -17.94
N GLY B 73 3.41 7.77 -17.11
CA GLY B 73 2.43 8.40 -16.25
C GLY B 73 3.05 9.36 -15.28
N THR B 74 2.23 9.80 -14.34
CA THR B 74 2.67 10.75 -13.33
C THR B 74 3.57 10.06 -12.32
N VAL B 75 4.67 10.73 -11.97
CA VAL B 75 5.57 10.29 -10.92
C VAL B 75 5.75 11.44 -9.94
N LEU B 76 5.56 11.15 -8.66
CA LEU B 76 5.76 12.10 -7.58
C LEU B 76 7.14 11.87 -6.97
N VAL B 77 7.84 12.96 -6.67
CA VAL B 77 9.18 12.89 -6.10
C VAL B 77 9.17 13.61 -4.75
N GLY B 78 9.53 12.88 -3.72
CA GLY B 78 9.53 13.45 -2.40
C GLY B 78 9.99 12.46 -1.36
N PRO B 79 10.09 12.92 -0.12
CA PRO B 79 10.77 12.12 0.93
C PRO B 79 9.96 10.95 1.46
N THR B 80 9.56 10.02 0.60
CA THR B 80 8.93 8.79 1.02
C THR B 80 9.96 7.84 1.65
N PRO B 81 9.56 7.06 2.66
CA PRO B 81 10.51 6.11 3.27
C PRO B 81 10.88 4.96 2.34
N ILE B 82 10.03 4.63 1.39
CA ILE B 82 10.32 3.58 0.40
C ILE B 82 9.64 4.00 -0.90
N ASN B 83 10.29 3.72 -2.03
CA ASN B 83 9.70 4.01 -3.32
C ASN B 83 8.49 3.11 -3.55
N VAL B 84 7.39 3.66 -4.07
CA VAL B 84 6.17 2.88 -4.25
C VAL B 84 5.65 3.04 -5.68
N ILE B 85 5.29 1.91 -6.29
CA ILE B 85 4.55 1.88 -7.56
C ILE B 85 3.08 1.77 -7.21
N GLY B 86 2.29 2.81 -7.56
CA GLY B 86 0.89 2.86 -7.25
C GLY B 86 0.01 2.48 -8.43
N ARG B 87 -1.31 2.58 -8.21
CA ARG B 87 -2.24 2.01 -9.18
C ARG B 87 -2.18 2.72 -10.52
N ASN B 88 -1.77 4.00 -10.56
CA ASN B 88 -1.72 4.70 -11.84
C ASN B 88 -0.77 4.01 -12.81
N MET B 89 0.27 3.37 -12.29
CA MET B 89 1.15 2.58 -13.13
C MET B 89 0.80 1.10 -13.16
N LEU B 90 0.30 0.56 -12.04
CA LEU B 90 0.02 -0.88 -11.99
C LEU B 90 -1.04 -1.28 -12.99
N THR B 91 -2.03 -0.42 -13.24
CA THR B 91 -3.07 -0.73 -14.22
C THR B 91 -2.48 -0.87 -15.63
N GLN B 92 -1.42 -0.11 -15.93
CA GLN B 92 -0.81 -0.17 -17.26
C GLN B 92 -0.04 -1.45 -17.51
N ILE B 93 0.46 -2.12 -16.47
CA ILE B 93 1.20 -3.35 -16.67
C ILE B 93 0.33 -4.57 -16.39
N GLY B 94 -0.97 -4.38 -16.16
CA GLY B 94 -1.89 -5.49 -16.01
C GLY B 94 -1.83 -6.16 -14.66
N CYS B 95 -1.43 -5.43 -13.64
CA CYS B 95 -1.31 -6.03 -12.31
CA CYS B 95 -1.30 -5.98 -12.28
C CYS B 95 -2.67 -6.21 -11.66
N THR B 96 -2.89 -7.40 -11.07
CA THR B 96 -4.12 -7.74 -10.36
C THR B 96 -3.79 -8.44 -9.04
N LEU B 97 -4.77 -8.38 -8.14
CA LEU B 97 -4.79 -9.14 -6.89
C LEU B 97 -5.59 -10.41 -7.08
N ASN B 98 -5.18 -11.49 -6.41
CA ASN B 98 -5.85 -12.76 -6.58
C ASN B 98 -5.89 -13.47 -5.24
N PHE B 99 -7.08 -13.93 -4.83
CA PHE B 99 -7.18 -14.85 -3.69
C PHE B 99 -8.49 -15.65 -3.72
C1 7O7 C . 3.87 -1.43 9.41
C1 7O7 C . -1.87 9.46 -3.56
C2 7O7 C . 2.21 -0.66 8.04
C2 7O7 C . -0.41 7.90 -2.83
C3 7O7 C . 1.01 -0.64 7.37
C3 7O7 C . 0.57 6.92 -2.87
C4 7O7 C . 0.68 0.44 6.58
C4 7O7 C . 1.02 6.36 -1.68
C5 7O7 C . 1.54 1.52 6.46
C5 7O7 C . 0.53 6.79 -0.45
C6 7O7 C . 2.76 1.50 7.15
C6 7O7 C . -0.45 7.78 -0.43
C7 7O7 C . -2.56 8.44 -2.73
C7 7O7 C . 4.36 -1.12 7.95
N1 7O7 C . 2.66 -1.62 8.84
N1 7O7 C . -0.94 8.53 -3.88
N2 7O7 C . 4.51 -2.39 10.30
N2 7O7 C . -2.59 10.28 -4.55
C8 7O7 C . 0.14 7.81 -2.20
C8 7O7 C . 1.81 0.08 7.93
C06 7O7 C . -3.74 5.01 1.96
C06 7O7 C . 5.45 1.97 3.08
C07 7O7 C . -2.82 4.49 2.87
C07 7O7 C . 4.66 2.96 2.48
C08 7O7 C . -2.53 5.18 4.04
C08 7O7 C . 4.88 4.31 2.78
C10 7O7 C . -0.91 9.73 -1.54
C10 7O7 C . 3.58 0.81 9.17
C11 7O7 C . -3.18 7.10 -0.80
C11 7O7 C . 4.99 0.13 5.99
C12 7O7 C . 3.03 1.91 3.71
C12 7O7 C . -1.35 4.86 1.33
C13 7O7 C . 4.05 3.00 3.26
C13 7O7 C . -1.98 4.10 2.54
C14 7O7 C . 5.06 2.33 2.30
C14 7O7 C . -3.51 4.37 2.50
C15 7O7 C . 3.37 4.18 2.53
C15 7O7 C . -1.42 4.70 3.85
C16 7O7 C . 0.61 1.63 3.08
C16 7O7 C . 0.61 3.43 0.57
C17 7O7 C . 0.23 2.42 1.81
C17 7O7 C . 0.98 2.37 1.62
C19 7O7 C . -0.66 3.60 2.19
C19 7O7 C . 2.23 2.77 2.38
C21 7O7 C . -0.51 5.89 1.01
C21 7O7 C . 2.55 2.31 4.89
C29 7O7 C . 6.91 -2.05 9.55
C29 7O7 C . -4.96 10.50 -3.79
C32 7O7 C . -2.07 3.16 2.57
C32 7O7 C . 3.49 2.59 1.54
C33 7O7 C . -4.39 6.21 2.23
C33 7O7 C . 6.48 2.34 3.94
C34 7O7 C . -3.18 6.38 4.31
C34 7O7 C . 5.91 4.66 3.64
C35 7O7 C . -4.11 6.90 3.41
C35 7O7 C . 6.71 3.68 4.22
C36 7O7 C . 6.88 -3.30 10.43
C36 7O7 C . -4.79 11.37 -5.05
C39 7O7 C . 3.09 0.40 7.93
C39 7O7 C . -0.91 8.33 -1.62
C49 7O7 C . -1.04 7.92 -0.04
C49 7O7 C . 3.44 1.68 6.98
C59 7O7 C . -2.40 8.27 -0.37
C59 7O7 C . 4.74 1.06 7.09
C69 7O7 C . -2.31 9.20 -1.52
C69 7O7 C . 4.68 0.24 8.34
C79 7O7 C . 5.91 -2.14 10.72
C79 7O7 C . -3.63 11.21 -4.06
C9 7O7 C . -0.14 8.69 -1.10
C9 7O7 C . 2.63 1.22 8.27
N11 7O7 C . 1.63 2.42 3.82
N11 7O7 C . 0.12 4.64 1.30
N20 7O7 C . -0.78 4.44 1.01
N20 7O7 C . 2.35 1.86 3.51
O1 7O7 C . -1.08 8.20 -3.51
O1 7O7 C . 2.75 -1.43 8.35
O10 7O7 C . 1.93 4.09 5.82
O10 7O7 C . 0.80 6.98 2.20
O18 7O7 C . -0.43 1.57 0.94
O18 7O7 C . 1.18 1.14 0.99
O2 7O7 C . -3.05 7.17 -2.38
O2 7O7 C . 4.47 -1.25 6.56
O22 7O7 C . -0.02 6.47 1.95
O22 7O7 C . 2.48 3.47 5.22
O23 7O7 C . -0.88 6.54 -0.20
O23 7O7 C . 2.81 1.24 5.82
O9 7O7 C . -0.30 3.18 5.37
O9 7O7 C . 2.50 5.66 0.98
S1 7O7 C . 4.49 0.13 8.89
S1 7O7 C . -2.07 9.56 -1.84
S8 7O7 C . 1.14 2.93 5.40
S8 7O7 C . 1.09 6.07 1.11
#